data_3RFJ
#
_entry.id   3RFJ
#
_cell.length_a   57.567
_cell.length_b   60.836
_cell.length_c   87.597
_cell.angle_alpha   90.00
_cell.angle_beta   90.00
_cell.angle_gamma   90.00
#
_symmetry.space_group_name_H-M   'P 21 21 21'
#
loop_
_entity.id
_entity.type
_entity.pdbx_description
1 polymer 'Internalin B, repeat modules, Variable lymphocyte receptor'
2 non-polymer 'SULFATE ION'
3 water water
#
_entity_poly.entity_id   1
_entity_poly.type   'polypeptide(L)'
_entity_poly.pdbx_seq_one_letter_code
;ETITVSTPIKQIFPDDAFAETIKANLKKKSVTDAVTQNELNSIDQIIANNSDIKSVQGIQYLPNVRYLALGGNKLHDISA
LKELTNLTYLILTGNQLQSLPNGVFDKLTNLKELVLVENQLQSLPDGVFDKLTNLTYLYLYHNQLQSLPKGVFDKLTNLT
RLDLDNNQLQSLPEGVFDKLTQLKQLSLNDNQLKSVPDGVFDRLTSLTHIWLLNNPWDCACSDILYLSRWISQHPGLVFG
YLNLDPDSARCSGTNTPVRAVTEASTSPSKCPGHHHHHH
;
_entity_poly.pdbx_strand_id   A
#
# COMPACT_ATOMS: atom_id res chain seq x y z
N THR A 4 21.01 6.56 36.57
CA THR A 4 19.97 6.85 35.51
C THR A 4 20.35 7.99 34.57
N VAL A 5 20.59 7.63 33.31
CA VAL A 5 21.06 8.61 32.33
C VAL A 5 19.92 9.49 31.82
N SER A 6 20.27 10.75 31.58
CA SER A 6 19.40 11.84 31.35
C SER A 6 20.14 12.49 30.15
N THR A 7 19.58 12.45 28.92
CA THR A 7 20.31 12.93 27.73
C THR A 7 19.44 13.91 26.92
N PRO A 8 20.01 15.05 26.43
CA PRO A 8 19.19 16.04 25.66
C PRO A 8 18.43 15.40 24.46
N ILE A 9 17.15 15.71 24.28
CA ILE A 9 16.43 15.17 23.14
C ILE A 9 17.28 15.33 21.85
N LYS A 10 17.94 16.48 21.63
CA LYS A 10 18.66 16.71 20.35
C LYS A 10 19.83 15.77 20.12
N GLN A 11 20.38 15.16 21.16
CA GLN A 11 21.48 14.26 20.97
C GLN A 11 20.96 12.88 20.56
N ILE A 12 19.76 12.55 21.04
CA ILE A 12 19.16 11.25 20.74
C ILE A 12 18.59 11.21 19.31
N PHE A 13 18.03 12.35 18.88
CA PHE A 13 17.33 12.47 17.57
C PHE A 13 18.01 13.56 16.76
N PRO A 14 18.96 13.16 15.93
CA PRO A 14 19.83 14.15 15.33
C PRO A 14 19.14 15.02 14.29
N ASP A 15 18.10 14.52 13.61
CA ASP A 15 17.29 15.40 12.73
C ASP A 15 16.55 16.45 13.57
N ASP A 16 16.85 17.75 13.35
CA ASP A 16 16.27 18.78 14.13
C ASP A 16 14.74 18.75 14.13
N ALA A 17 14.15 18.48 12.96
CA ALA A 17 12.73 18.40 12.87
C ALA A 17 12.19 17.22 13.72
N PHE A 18 12.85 16.06 13.66
CA PHE A 18 12.29 14.92 14.44
C PHE A 18 12.50 15.21 15.95
N ALA A 19 13.67 15.77 16.35
CA ALA A 19 13.83 16.23 17.75
C ALA A 19 12.69 17.15 18.23
N GLU A 20 12.32 18.15 17.44
CA GLU A 20 11.19 19.02 17.73
C GLU A 20 9.89 18.23 17.85
N THR A 21 9.70 17.20 17.02
CA THR A 21 8.52 16.33 17.21
C THR A 21 8.48 15.62 18.55
N ILE A 22 9.63 15.10 18.99
CA ILE A 22 9.73 14.37 20.23
C ILE A 22 9.53 15.36 21.40
N LYS A 23 10.15 16.54 21.32
CA LYS A 23 9.96 17.54 22.41
C LYS A 23 8.47 17.84 22.57
N ALA A 24 7.76 18.11 21.45
CA ALA A 24 6.30 18.38 21.50
C ALA A 24 5.56 17.20 22.05
N ASN A 25 5.82 16.01 21.48
CA ASN A 25 5.20 14.80 22.00
C ASN A 25 5.32 14.67 23.51
N LEU A 26 6.52 14.90 24.07
CA LEU A 26 6.69 14.80 25.52
C LEU A 26 6.31 16.08 26.33
N LYS A 27 5.75 17.08 25.63
CA LYS A 27 5.33 18.40 26.17
C LYS A 27 6.48 19.01 26.94
N LYS A 28 7.67 18.98 26.34
CA LYS A 28 8.81 19.63 26.93
C LYS A 28 8.97 21.03 26.31
N LYS A 29 9.58 21.92 27.07
CA LYS A 29 9.78 23.31 26.63
C LYS A 29 10.92 23.50 25.59
N SER A 30 11.91 22.61 25.56
CA SER A 30 13.10 22.73 24.72
C SER A 30 13.68 21.39 24.23
N VAL A 31 14.28 21.41 23.05
CA VAL A 31 14.92 20.20 22.47
C VAL A 31 16.25 19.93 23.18
N THR A 32 16.69 20.89 24.00
CA THR A 32 17.87 20.64 24.85
C THR A 32 17.55 19.83 26.13
N ASP A 33 16.29 19.73 26.47
CA ASP A 33 15.86 19.15 27.74
C ASP A 33 16.30 17.70 27.81
N ALA A 34 16.91 17.33 28.95
CA ALA A 34 17.44 15.92 29.10
C ALA A 34 16.35 14.91 29.37
N VAL A 35 16.34 13.77 28.64
CA VAL A 35 15.28 12.82 28.87
C VAL A 35 15.87 11.39 29.15
N THR A 36 15.05 10.57 29.77
CA THR A 36 15.44 9.21 30.13
C THR A 36 14.81 8.15 29.21
N GLN A 37 15.31 6.93 29.34
CA GLN A 37 14.73 5.81 28.53
C GLN A 37 13.32 5.59 29.00
N ASN A 38 13.11 5.70 30.31
CA ASN A 38 11.75 5.62 30.83
C ASN A 38 10.72 6.58 30.19
N GLU A 39 11.06 7.87 30.07
CA GLU A 39 10.19 8.73 29.34
C GLU A 39 9.95 8.28 27.90
N LEU A 40 11.01 7.86 27.21
CA LEU A 40 10.88 7.41 25.81
C LEU A 40 10.01 6.16 25.73
N ASN A 41 10.08 5.29 26.75
CA ASN A 41 9.20 4.10 26.77
C ASN A 41 7.76 4.46 26.87
N SER A 42 7.43 5.65 27.39
CA SER A 42 6.05 6.08 27.53
C SER A 42 5.37 6.48 26.20
N ILE A 43 6.11 6.56 25.08
CA ILE A 43 5.54 7.10 23.84
C ILE A 43 4.83 5.98 23.06
N ASP A 44 3.51 6.10 22.90
CA ASP A 44 2.77 5.07 22.15
C ASP A 44 2.33 5.58 20.78
N GLN A 45 2.42 6.88 20.53
CA GLN A 45 2.07 7.41 19.18
C GLN A 45 2.93 8.61 18.84
N ILE A 46 3.15 8.76 17.56
CA ILE A 46 3.84 9.90 16.95
C ILE A 46 3.01 10.33 15.73
N ILE A 47 2.61 11.61 15.72
CA ILE A 47 1.84 12.15 14.61
C ILE A 47 2.67 13.32 14.23
N ALA A 48 3.31 13.20 13.07
CA ALA A 48 4.22 14.27 12.65
C ALA A 48 4.13 14.45 11.15
N ASN A 49 3.01 14.96 10.67
CA ASN A 49 2.84 15.24 9.24
C ASN A 49 3.50 16.55 8.80
N ASN A 50 4.02 16.61 7.57
CA ASN A 50 4.42 17.88 6.94
C ASN A 50 5.38 18.67 7.80
N SER A 51 6.38 17.99 8.33
CA SER A 51 7.23 18.52 9.41
C SER A 51 8.67 18.56 9.02
N ASP A 52 8.92 18.37 7.72
CA ASP A 52 10.31 18.43 7.20
C ASP A 52 11.25 17.39 7.77
N ILE A 53 10.70 16.21 8.11
CA ILE A 53 11.59 15.22 8.74
C ILE A 53 12.35 14.47 7.65
N LYS A 54 13.68 14.47 7.76
CA LYS A 54 14.54 13.83 6.77
C LYS A 54 15.03 12.46 7.25
N SER A 55 15.19 12.30 8.56
CA SER A 55 15.64 11.05 9.19
C SER A 55 14.92 10.79 10.55
N VAL A 56 14.49 9.55 10.78
CA VAL A 56 13.98 9.18 12.06
C VAL A 56 14.97 8.50 12.96
N GLN A 57 16.26 8.73 12.68
CA GLN A 57 17.28 8.16 13.54
C GLN A 57 17.00 8.52 14.99
N GLY A 58 17.16 7.54 15.91
CA GLY A 58 16.72 7.75 17.26
C GLY A 58 15.40 7.07 17.64
N ILE A 59 14.51 6.87 16.67
CA ILE A 59 13.24 6.25 16.92
C ILE A 59 13.40 4.79 17.40
N GLN A 60 14.55 4.17 17.13
CA GLN A 60 14.84 2.83 17.71
C GLN A 60 14.58 2.78 19.21
N TYR A 61 14.69 3.93 19.90
CA TYR A 61 14.56 3.98 21.38
C TYR A 61 13.18 4.19 21.87
N LEU A 62 12.24 4.03 20.93
CA LEU A 62 10.79 4.11 21.28
C LEU A 62 10.10 2.72 21.10
N PRO A 63 10.43 1.75 21.98
CA PRO A 63 9.92 0.37 21.78
C PRO A 63 8.41 0.19 21.76
N ASN A 64 7.70 1.10 22.37
CA ASN A 64 6.25 0.94 22.57
C ASN A 64 5.39 1.70 21.56
N VAL A 65 6.01 2.31 20.55
CA VAL A 65 5.18 3.14 19.64
C VAL A 65 4.29 2.20 18.83
N ARG A 66 3.00 2.48 18.78
CA ARG A 66 2.12 1.57 18.09
C ARG A 66 1.47 2.28 16.93
N TYR A 67 1.48 3.62 16.94
CA TYR A 67 0.82 4.38 15.86
C TYR A 67 1.82 5.39 15.36
N LEU A 68 2.19 5.32 14.07
CA LEU A 68 3.21 6.26 13.57
C LEU A 68 2.75 6.91 12.26
N ALA A 69 2.54 8.21 12.29
CA ALA A 69 2.04 8.91 11.12
C ALA A 69 3.09 9.93 10.69
N LEU A 70 3.64 9.72 9.51
CA LEU A 70 4.82 10.50 9.09
C LEU A 70 4.60 11.01 7.68
N GLY A 71 3.33 11.28 7.31
CA GLY A 71 3.04 11.77 5.93
C GLY A 71 3.68 13.10 5.57
N GLY A 72 4.09 13.25 4.32
CA GLY A 72 4.52 14.55 3.79
C GLY A 72 5.78 15.06 4.40
N ASN A 73 6.68 14.14 4.69
CA ASN A 73 8.04 14.53 5.11
C ASN A 73 8.98 14.25 3.96
N LYS A 74 10.25 14.00 4.23
CA LYS A 74 11.30 13.82 3.23
C LYS A 74 12.09 12.51 3.50
N LEU A 75 11.42 11.49 4.05
CA LEU A 75 12.14 10.29 4.41
C LEU A 75 12.62 9.45 3.23
N HIS A 76 13.87 9.02 3.25
CA HIS A 76 14.30 8.03 2.26
C HIS A 76 14.50 6.64 2.83
N ASP A 77 14.75 6.56 4.14
CA ASP A 77 15.26 5.33 4.74
C ASP A 77 14.34 5.04 5.94
N ILE A 78 13.88 3.80 6.13
CA ILE A 78 13.07 3.44 7.30
C ILE A 78 13.69 2.28 8.07
N SER A 79 15.00 2.08 7.86
CA SER A 79 15.84 1.14 8.61
C SER A 79 15.55 1.18 10.15
N ALA A 80 15.41 2.39 10.69
CA ALA A 80 15.28 2.62 12.10
C ALA A 80 13.97 2.10 12.64
N LEU A 81 13.04 1.70 11.77
CA LEU A 81 11.73 1.20 12.25
C LEU A 81 11.76 -0.30 12.47
N LYS A 82 12.85 -0.95 12.07
CA LYS A 82 12.82 -2.42 11.88
C LYS A 82 12.51 -3.25 13.09
N GLU A 83 12.82 -2.73 14.29
CA GLU A 83 12.60 -3.49 15.51
C GLU A 83 11.51 -2.84 16.41
N LEU A 84 10.68 -1.95 15.83
CA LEU A 84 9.52 -1.36 16.56
C LEU A 84 8.37 -2.39 16.47
N THR A 85 8.47 -3.43 17.30
CA THR A 85 7.63 -4.63 17.19
C THR A 85 6.19 -4.39 17.63
N ASN A 86 5.89 -3.24 18.28
CA ASN A 86 4.51 -2.92 18.63
C ASN A 86 3.77 -2.07 17.57
N LEU A 87 4.48 -1.65 16.52
CA LEU A 87 3.88 -0.86 15.45
C LEU A 87 2.62 -1.48 14.86
N THR A 88 1.52 -0.77 14.93
CA THR A 88 0.34 -1.38 14.32
C THR A 88 -0.28 -0.55 13.20
N TYR A 89 -0.08 0.78 13.23
CA TYR A 89 -0.40 1.59 12.07
C TYR A 89 0.87 2.31 11.67
N LEU A 90 1.20 2.24 10.38
CA LEU A 90 2.42 2.86 9.89
C LEU A 90 2.03 3.68 8.65
N ILE A 91 2.06 5.04 8.73
CA ILE A 91 1.58 5.81 7.55
C ILE A 91 2.75 6.64 7.04
N LEU A 92 3.17 6.37 5.82
CA LEU A 92 4.41 6.92 5.27
C LEU A 92 4.11 7.64 3.99
N THR A 93 2.86 8.05 3.82
CA THR A 93 2.42 8.78 2.61
C THR A 93 3.33 9.95 2.20
N GLY A 94 3.68 10.05 0.92
CA GLY A 94 4.26 11.33 0.44
C GLY A 94 5.68 11.50 0.89
N ASN A 95 6.40 10.41 1.11
CA ASN A 95 7.83 10.51 1.41
C ASN A 95 8.61 10.20 0.14
N GLN A 96 9.86 9.78 0.28
CA GLN A 96 10.84 9.57 -0.86
C GLN A 96 11.53 8.20 -0.76
N LEU A 97 10.76 7.20 -0.31
CA LEU A 97 11.28 5.90 -0.18
C LEU A 97 11.21 5.43 -1.64
N GLN A 98 12.30 5.01 -2.16
CA GLN A 98 12.26 4.69 -3.56
C GLN A 98 12.36 3.19 -3.78
N SER A 99 12.89 2.52 -2.78
CA SER A 99 12.95 1.05 -2.73
C SER A 99 12.85 0.63 -1.27
N LEU A 100 12.43 -0.60 -1.07
CA LEU A 100 12.25 -1.15 0.29
C LEU A 100 13.24 -2.29 0.44
N PRO A 101 14.02 -2.34 1.53
CA PRO A 101 14.84 -3.54 1.75
C PRO A 101 13.97 -4.82 1.88
N ASN A 102 14.36 -5.94 1.24
CA ASN A 102 13.77 -7.28 1.56
C ASN A 102 13.54 -7.39 3.09
N GLY A 103 12.40 -7.88 3.54
CA GLY A 103 12.42 -8.02 5.05
C GLY A 103 12.45 -6.79 5.97
N VAL A 104 12.44 -5.55 5.45
CA VAL A 104 12.30 -4.36 6.31
C VAL A 104 11.09 -4.46 7.27
N PHE A 105 10.00 -5.08 6.83
CA PHE A 105 8.78 -5.26 7.71
C PHE A 105 8.75 -6.56 8.51
N ASP A 106 9.75 -7.40 8.34
CA ASP A 106 9.70 -8.76 8.96
C ASP A 106 9.35 -8.90 10.44
N LYS A 107 9.87 -7.99 11.24
CA LYS A 107 9.59 -8.05 12.70
C LYS A 107 8.32 -7.28 13.12
N LEU A 108 7.76 -6.53 12.18
CA LEU A 108 6.58 -5.72 12.43
C LEU A 108 5.27 -6.50 12.32
N THR A 109 5.28 -7.62 13.01
CA THR A 109 4.17 -8.55 12.94
C THR A 109 2.79 -8.11 13.41
N ASN A 110 2.67 -7.01 14.14
CA ASN A 110 1.37 -6.48 14.52
C ASN A 110 0.78 -5.46 13.59
N LEU A 111 1.45 -5.21 12.50
CA LEU A 111 0.91 -4.20 11.57
C LEU A 111 -0.46 -4.60 11.09
N LYS A 112 -1.38 -3.64 11.21
CA LYS A 112 -2.76 -3.72 10.73
C LYS A 112 -3.04 -2.81 9.56
N GLU A 113 -2.45 -1.62 9.60
CA GLU A 113 -2.55 -0.72 8.45
C GLU A 113 -1.12 -0.29 8.01
N LEU A 114 -0.82 -0.48 6.74
CA LEU A 114 0.46 -0.05 6.17
C LEU A 114 0.16 0.85 4.94
N VAL A 115 0.61 2.11 4.98
CA VAL A 115 0.30 3.06 3.93
C VAL A 115 1.63 3.53 3.33
N LEU A 116 1.86 3.14 2.07
CA LEU A 116 3.12 3.43 1.36
C LEU A 116 2.87 4.33 0.11
N VAL A 117 1.75 5.04 0.10
CA VAL A 117 1.28 5.92 -1.00
C VAL A 117 2.31 7.01 -1.31
N GLU A 118 2.54 7.27 -2.61
CA GLU A 118 3.35 8.42 -3.00
C GLU A 118 4.76 8.32 -2.51
N ASN A 119 5.41 7.20 -2.84
CA ASN A 119 6.79 7.07 -2.48
C ASN A 119 7.44 6.77 -3.79
N GLN A 120 8.66 6.37 -3.91
CA GLN A 120 8.60 6.36 -5.45
C GLN A 120 8.77 4.97 -5.94
N LEU A 121 7.94 4.08 -5.40
CA LEU A 121 8.29 2.65 -5.43
C LEU A 121 8.18 2.12 -6.84
N GLN A 122 9.23 1.45 -7.30
CA GLN A 122 9.16 0.89 -8.66
C GLN A 122 9.09 -0.61 -8.65
N SER A 123 9.24 -1.21 -7.48
CA SER A 123 9.19 -2.68 -7.34
C SER A 123 8.97 -3.01 -5.90
N LEU A 124 8.40 -4.17 -5.63
CA LEU A 124 8.29 -4.67 -4.31
C LEU A 124 9.17 -5.93 -4.18
N PRO A 125 9.86 -6.09 -3.06
CA PRO A 125 10.66 -7.33 -2.91
C PRO A 125 9.77 -8.52 -2.78
N ASP A 126 10.21 -9.67 -3.30
CA ASP A 126 9.45 -10.89 -2.97
C ASP A 126 9.21 -11.04 -1.44
N GLY A 127 8.06 -11.56 -1.07
CA GLY A 127 7.82 -11.81 0.35
C GLY A 127 7.92 -10.59 1.28
N VAL A 128 8.02 -9.37 0.74
CA VAL A 128 8.14 -8.15 1.59
C VAL A 128 7.02 -8.06 2.64
N PHE A 129 5.86 -8.68 2.38
CA PHE A 129 4.70 -8.58 3.30
C PHE A 129 4.42 -9.88 4.04
N ASP A 130 5.25 -10.92 3.78
CA ASP A 130 5.04 -12.26 4.32
C ASP A 130 4.79 -12.41 5.83
N LYS A 131 5.48 -11.60 6.63
CA LYS A 131 5.28 -11.69 8.07
C LYS A 131 4.09 -10.93 8.60
N LEU A 132 3.45 -10.16 7.71
CA LEU A 132 2.37 -9.26 8.14
C LEU A 132 1.03 -9.95 8.10
N THR A 133 0.90 -11.01 8.91
CA THR A 133 -0.33 -11.83 8.84
C THR A 133 -1.59 -11.19 9.41
N ASN A 134 -1.44 -10.14 10.22
CA ASN A 134 -2.59 -9.39 10.72
C ASN A 134 -2.94 -8.15 9.89
N LEU A 135 -2.26 -7.96 8.77
CA LEU A 135 -2.57 -6.77 7.98
C LEU A 135 -4.02 -6.71 7.49
N THR A 136 -4.69 -5.56 7.64
CA THR A 136 -6.08 -5.40 7.20
C THR A 136 -6.16 -4.44 5.99
N TYR A 137 -5.48 -3.30 6.09
CA TYR A 137 -5.46 -2.29 5.02
C TYR A 137 -4.06 -2.17 4.46
N LEU A 138 -3.91 -2.46 3.19
CA LEU A 138 -2.58 -2.23 2.54
C LEU A 138 -2.70 -1.22 1.35
N TYR A 139 -2.16 -0.03 1.54
CA TYR A 139 -2.37 1.05 0.54
C TYR A 139 -1.07 1.32 -0.19
N LEU A 140 -1.09 1.19 -1.51
CA LEU A 140 0.13 1.22 -2.34
C LEU A 140 -0.04 2.09 -3.52
N TYR A 141 -1.14 2.83 -3.52
CA TYR A 141 -1.45 3.68 -4.64
C TYR A 141 -0.58 4.90 -4.85
N HIS A 142 -0.59 5.39 -6.07
CA HIS A 142 0.27 6.50 -6.47
C HIS A 142 1.74 6.18 -6.24
N ASN A 143 2.17 5.09 -6.87
CA ASN A 143 3.56 4.76 -6.92
C ASN A 143 3.87 4.45 -8.37
N GLN A 144 4.98 3.77 -8.63
CA GLN A 144 5.45 3.55 -10.01
C GLN A 144 5.68 2.07 -10.29
N LEU A 145 4.88 1.23 -9.65
CA LEU A 145 5.09 -0.20 -9.74
C LEU A 145 4.72 -0.68 -11.16
N GLN A 146 5.59 -1.52 -11.77
CA GLN A 146 5.34 -2.00 -13.11
C GLN A 146 4.84 -3.39 -13.09
N SER A 147 5.20 -4.15 -12.06
CA SER A 147 4.72 -5.50 -11.90
C SER A 147 4.63 -5.85 -10.44
N LEU A 148 4.09 -7.01 -10.15
CA LEU A 148 4.05 -7.49 -8.78
C LEU A 148 4.69 -8.90 -8.69
N PRO A 149 5.39 -9.19 -7.58
CA PRO A 149 5.90 -10.56 -7.41
C PRO A 149 4.81 -11.58 -7.24
N LYS A 150 5.01 -12.76 -7.85
CA LYS A 150 4.23 -13.94 -7.56
C LYS A 150 4.01 -14.15 -6.07
N GLY A 151 2.76 -14.33 -5.68
CA GLY A 151 2.52 -14.76 -4.30
C GLY A 151 2.78 -13.64 -3.28
N VAL A 152 3.06 -12.43 -3.74
CA VAL A 152 3.30 -11.24 -2.84
C VAL A 152 2.25 -10.99 -1.74
N PHE A 153 0.99 -11.29 -2.00
CA PHE A 153 -0.08 -11.13 -1.04
C PHE A 153 -0.48 -12.40 -0.32
N ASP A 154 0.16 -13.54 -0.63
CA ASP A 154 -0.30 -14.85 -0.12
C ASP A 154 -0.49 -15.09 1.40
N LYS A 155 0.30 -14.41 2.24
CA LYS A 155 0.20 -14.60 3.66
C LYS A 155 -0.77 -13.62 4.27
N LEU A 156 -1.21 -12.65 3.44
CA LEU A 156 -2.17 -11.63 3.89
C LEU A 156 -3.60 -12.09 3.99
N THR A 157 -3.85 -13.17 4.75
CA THR A 157 -5.18 -13.77 4.81
C THR A 157 -6.25 -12.93 5.50
N ASN A 158 -5.87 -11.92 6.33
CA ASN A 158 -6.88 -11.09 6.94
C ASN A 158 -7.10 -9.77 6.22
N LEU A 159 -6.53 -9.62 5.05
CA LEU A 159 -6.59 -8.37 4.29
C LEU A 159 -8.01 -8.06 3.83
N THR A 160 -8.46 -6.85 4.11
CA THR A 160 -9.77 -6.44 3.66
C THR A 160 -9.69 -5.31 2.64
N ARG A 161 -8.64 -4.48 2.63
CA ARG A 161 -8.53 -3.47 1.55
C ARG A 161 -7.13 -3.49 0.93
N LEU A 162 -7.07 -3.53 -0.38
CA LEU A 162 -5.78 -3.51 -1.10
C LEU A 162 -5.85 -2.49 -2.22
N ASP A 163 -5.18 -1.37 -2.03
CA ASP A 163 -5.25 -0.33 -3.05
C ASP A 163 -3.99 -0.30 -3.91
N LEU A 164 -4.10 -0.68 -5.17
CA LEU A 164 -2.98 -0.65 -6.13
C LEU A 164 -3.18 0.36 -7.22
N ASP A 165 -4.20 1.19 -7.11
CA ASP A 165 -4.47 2.21 -8.13
C ASP A 165 -3.32 3.23 -8.35
N ASN A 166 -3.30 3.84 -9.53
CA ASN A 166 -2.33 4.85 -9.89
C ASN A 166 -0.89 4.34 -9.76
N ASN A 167 -0.62 3.24 -10.45
CA ASN A 167 0.73 2.73 -10.58
C ASN A 167 0.95 2.59 -12.07
N GLN A 168 1.87 1.72 -12.48
CA GLN A 168 2.14 1.56 -13.89
C GLN A 168 2.09 0.03 -14.20
N LEU A 169 1.17 -0.67 -13.57
CA LEU A 169 1.13 -2.16 -13.69
C LEU A 169 0.80 -2.57 -15.11
N GLN A 170 1.64 -3.45 -15.65
CA GLN A 170 1.53 -3.85 -17.04
C GLN A 170 0.74 -5.14 -17.16
N SER A 171 0.76 -5.95 -16.09
CA SER A 171 0.03 -7.19 -15.96
C SER A 171 -0.09 -7.53 -14.46
N LEU A 172 -0.92 -8.54 -14.16
CA LEU A 172 -1.02 -9.12 -12.83
C LEU A 172 -0.57 -10.60 -12.94
N PRO A 173 0.16 -11.10 -11.92
CA PRO A 173 0.55 -12.55 -11.89
C PRO A 173 -0.65 -13.40 -11.71
N GLU A 174 -0.71 -14.56 -12.40
CA GLU A 174 -1.78 -15.48 -12.08
C GLU A 174 -1.88 -15.84 -10.63
N GLY A 175 -3.14 -15.94 -10.21
CA GLY A 175 -3.49 -16.26 -8.86
C GLY A 175 -3.07 -15.24 -7.78
N VAL A 176 -2.63 -14.06 -8.19
CA VAL A 176 -2.11 -13.05 -7.20
C VAL A 176 -3.02 -12.71 -5.99
N PHE A 177 -4.33 -12.85 -6.18
CA PHE A 177 -5.29 -12.54 -5.15
C PHE A 177 -5.92 -13.77 -4.54
N ASP A 178 -5.45 -14.96 -4.90
CA ASP A 178 -6.21 -16.16 -4.48
C ASP A 178 -6.38 -16.35 -2.97
N LYS A 179 -5.39 -15.92 -2.17
CA LYS A 179 -5.45 -16.13 -0.74
C LYS A 179 -6.26 -15.09 0.05
N LEU A 180 -6.78 -14.08 -0.66
CA LEU A 180 -7.42 -12.93 -0.03
C LEU A 180 -8.91 -13.09 0.06
N THR A 181 -9.42 -14.04 0.88
CA THR A 181 -10.86 -14.46 0.86
C THR A 181 -11.71 -13.53 1.74
N GLN A 182 -10.99 -12.73 2.55
CA GLN A 182 -11.65 -11.66 3.28
C GLN A 182 -11.58 -10.29 2.60
N LEU A 183 -11.00 -10.20 1.40
CA LEU A 183 -10.86 -8.90 0.70
C LEU A 183 -12.19 -8.25 0.35
N LYS A 184 -12.44 -7.03 0.88
CA LYS A 184 -13.65 -6.30 0.51
C LYS A 184 -13.40 -5.28 -0.60
N GLN A 185 -12.26 -4.60 -0.53
CA GLN A 185 -11.98 -3.59 -1.54
C GLN A 185 -10.69 -3.82 -2.29
N LEU A 186 -10.75 -3.68 -3.61
CA LEU A 186 -9.52 -3.83 -4.43
C LEU A 186 -9.56 -2.71 -5.48
N SER A 187 -8.53 -1.86 -5.50
CA SER A 187 -8.43 -0.82 -6.55
C SER A 187 -7.29 -1.12 -7.56
N LEU A 188 -7.65 -1.16 -8.83
CA LEU A 188 -6.67 -1.42 -9.92
C LEU A 188 -6.74 -0.33 -10.98
N ASN A 189 -7.48 0.73 -10.68
CA ASN A 189 -7.65 1.84 -11.68
C ASN A 189 -6.40 2.66 -11.95
N ASP A 190 -6.34 3.30 -13.11
CA ASP A 190 -5.17 4.10 -13.49
C ASP A 190 -3.88 3.30 -13.44
N ASN A 191 -3.85 2.25 -14.24
CA ASN A 191 -2.66 1.48 -14.47
C ASN A 191 -2.44 1.26 -15.99
N GLN A 192 -1.65 0.25 -16.35
CA GLN A 192 -1.45 0.00 -17.78
C GLN A 192 -1.89 -1.44 -18.14
N LEU A 193 -2.95 -1.92 -17.49
CA LEU A 193 -3.39 -3.29 -17.67
C LEU A 193 -4.14 -3.39 -18.97
N LYS A 194 -3.83 -4.48 -19.69
CA LYS A 194 -4.46 -4.75 -20.99
C LYS A 194 -5.51 -5.84 -20.90
N SER A 195 -5.38 -6.65 -19.84
CA SER A 195 -6.05 -7.89 -19.62
C SER A 195 -5.86 -8.25 -18.17
N VAL A 196 -6.61 -9.22 -17.63
CA VAL A 196 -6.22 -9.83 -16.38
C VAL A 196 -6.21 -11.36 -16.51
N PRO A 197 -5.48 -12.05 -15.62
CA PRO A 197 -5.36 -13.49 -15.92
C PRO A 197 -6.68 -14.22 -15.69
N ASP A 198 -6.92 -15.29 -16.46
CA ASP A 198 -8.09 -16.09 -16.26
C ASP A 198 -8.23 -16.45 -14.78
N GLY A 199 -9.40 -16.16 -14.23
CA GLY A 199 -9.69 -16.60 -12.89
C GLY A 199 -9.23 -15.73 -11.71
N VAL A 200 -8.59 -14.60 -12.05
CA VAL A 200 -7.87 -13.78 -11.02
C VAL A 200 -8.78 -13.25 -9.86
N PHE A 201 -10.07 -13.05 -10.11
CA PHE A 201 -10.95 -12.60 -9.02
C PHE A 201 -11.74 -13.70 -8.34
N ASP A 202 -11.57 -14.92 -8.82
CA ASP A 202 -12.50 -15.96 -8.47
C ASP A 202 -12.53 -16.35 -7.00
N ARG A 203 -11.42 -16.23 -6.27
CA ARG A 203 -11.45 -16.52 -4.85
C ARG A 203 -11.96 -15.34 -3.96
N LEU A 204 -12.23 -14.19 -4.62
CA LEU A 204 -12.61 -12.97 -3.87
C LEU A 204 -14.07 -12.96 -3.42
N THR A 205 -14.41 -13.95 -2.59
CA THR A 205 -15.74 -14.24 -2.08
C THR A 205 -16.28 -13.10 -1.24
N SER A 206 -15.42 -12.27 -0.68
CA SER A 206 -16.02 -11.23 0.10
C SER A 206 -15.95 -9.81 -0.48
N LEU A 207 -15.65 -9.77 -1.76
CA LEU A 207 -15.51 -8.51 -2.48
C LEU A 207 -16.79 -7.71 -2.53
N THR A 208 -16.68 -6.43 -2.19
CA THR A 208 -17.77 -5.49 -2.28
C THR A 208 -17.46 -4.30 -3.20
N HIS A 209 -16.18 -3.93 -3.41
CA HIS A 209 -15.90 -2.82 -4.34
C HIS A 209 -14.64 -3.16 -5.14
N ILE A 210 -14.67 -3.02 -6.47
CA ILE A 210 -13.43 -3.09 -7.20
C ILE A 210 -13.44 -1.90 -8.14
N TRP A 211 -12.24 -1.35 -8.42
CA TRP A 211 -12.14 -0.28 -9.41
C TRP A 211 -11.24 -0.73 -10.54
N LEU A 212 -11.71 -0.49 -11.77
CA LEU A 212 -11.00 -0.93 -12.99
C LEU A 212 -10.79 0.13 -14.05
N LEU A 213 -11.24 1.36 -13.80
CA LEU A 213 -11.18 2.42 -14.85
C LEU A 213 -9.78 2.89 -15.12
N ASN A 214 -9.65 3.65 -16.21
CA ASN A 214 -8.36 4.16 -16.64
C ASN A 214 -7.30 3.11 -16.76
N ASN A 215 -7.64 2.00 -17.43
CA ASN A 215 -6.63 1.06 -17.93
C ASN A 215 -6.91 0.93 -19.41
N PRO A 216 -5.85 0.69 -20.22
CA PRO A 216 -5.96 0.53 -21.67
C PRO A 216 -6.42 -0.91 -22.02
N TRP A 217 -7.64 -1.30 -21.60
CA TRP A 217 -8.07 -2.68 -21.84
C TRP A 217 -8.13 -3.03 -23.36
N ASP A 218 -7.51 -4.16 -23.71
CA ASP A 218 -7.30 -4.59 -25.10
C ASP A 218 -8.45 -5.47 -25.45
N CYS A 219 -9.54 -4.85 -25.93
CA CYS A 219 -10.83 -5.57 -26.15
C CYS A 219 -10.85 -6.37 -27.46
N ALA A 220 -9.92 -6.06 -28.37
CA ALA A 220 -9.76 -6.96 -29.53
C ALA A 220 -9.24 -8.36 -29.20
N CYS A 221 -8.34 -8.49 -28.22
CA CYS A 221 -7.75 -9.79 -27.87
C CYS A 221 -8.65 -10.64 -27.04
N SER A 222 -8.68 -11.94 -27.31
CA SER A 222 -9.61 -12.86 -26.59
C SER A 222 -9.33 -13.13 -25.10
N ASP A 223 -8.13 -12.78 -24.60
CA ASP A 223 -7.91 -12.87 -23.15
C ASP A 223 -8.76 -11.87 -22.37
N ILE A 224 -9.33 -10.85 -23.05
CA ILE A 224 -10.31 -9.90 -22.40
C ILE A 224 -11.55 -10.60 -21.88
N LEU A 225 -11.90 -11.78 -22.43
CA LEU A 225 -13.23 -12.39 -22.14
C LEU A 225 -13.53 -12.74 -20.65
N TYR A 226 -12.52 -13.21 -19.91
CA TYR A 226 -12.66 -13.43 -18.48
C TYR A 226 -13.16 -12.14 -17.80
N LEU A 227 -12.49 -11.05 -18.09
CA LEU A 227 -12.80 -9.72 -17.45
C LEU A 227 -14.16 -9.22 -17.92
N SER A 228 -14.40 -9.33 -19.22
CA SER A 228 -15.69 -8.90 -19.75
C SER A 228 -16.85 -9.67 -19.13
N ARG A 229 -16.75 -11.01 -19.11
CA ARG A 229 -17.76 -11.84 -18.48
C ARG A 229 -17.88 -11.61 -16.96
N TRP A 230 -16.73 -11.39 -16.30
CA TRP A 230 -16.74 -11.24 -14.84
C TRP A 230 -17.44 -9.94 -14.47
N ILE A 231 -17.19 -8.86 -15.22
CA ILE A 231 -17.90 -7.56 -14.94
C ILE A 231 -19.41 -7.75 -15.21
N SER A 232 -19.74 -8.42 -16.31
CA SER A 232 -21.15 -8.63 -16.60
C SER A 232 -21.90 -9.38 -15.50
N GLN A 233 -21.21 -10.30 -14.80
CA GLN A 233 -21.78 -11.15 -13.76
C GLN A 233 -21.75 -10.47 -12.38
N HIS A 234 -20.90 -9.42 -12.27
CA HIS A 234 -20.73 -8.73 -10.99
C HIS A 234 -20.83 -7.23 -11.11
N PRO A 235 -21.85 -6.71 -11.81
CA PRO A 235 -21.88 -5.25 -12.00
C PRO A 235 -22.05 -4.46 -10.69
N GLY A 236 -22.68 -5.04 -9.68
CA GLY A 236 -22.95 -4.36 -8.38
C GLY A 236 -21.68 -4.21 -7.52
N LEU A 237 -20.57 -4.76 -8.00
CA LEU A 237 -19.24 -4.63 -7.27
C LEU A 237 -18.33 -3.60 -7.94
N VAL A 238 -18.68 -3.12 -9.14
CA VAL A 238 -17.74 -2.34 -10.00
C VAL A 238 -18.02 -0.86 -9.89
N PHE A 239 -17.07 -0.13 -9.30
CA PHE A 239 -17.23 1.27 -8.92
C PHE A 239 -16.41 2.19 -9.79
N GLY A 240 -16.96 3.38 -10.03
CA GLY A 240 -16.21 4.49 -10.57
C GLY A 240 -15.68 5.26 -9.36
N TYR A 241 -15.34 6.53 -9.56
CA TYR A 241 -14.74 7.35 -8.49
C TYR A 241 -15.70 7.44 -7.34
N LEU A 242 -16.87 7.97 -7.64
CA LEU A 242 -18.03 8.14 -6.76
C LEU A 242 -18.82 6.81 -6.40
N ASN A 243 -19.69 6.36 -7.29
CA ASN A 243 -20.60 5.32 -6.91
C ASN A 243 -20.37 4.23 -7.94
N LEU A 244 -21.30 3.27 -7.97
CA LEU A 244 -21.21 2.21 -8.98
C LEU A 244 -21.06 2.71 -10.38
N ASP A 245 -20.33 1.97 -11.16
CA ASP A 245 -20.24 2.25 -12.59
C ASP A 245 -19.58 1.06 -13.32
N PRO A 246 -20.38 0.04 -13.68
CA PRO A 246 -19.81 -1.15 -14.34
C PRO A 246 -19.35 -0.88 -15.75
N ASP A 247 -19.70 0.29 -16.30
CA ASP A 247 -19.22 0.68 -17.64
C ASP A 247 -17.86 1.39 -17.63
N SER A 248 -17.33 1.66 -16.45
CA SER A 248 -16.11 2.52 -16.31
C SER A 248 -14.81 1.84 -16.80
N ALA A 249 -14.86 0.51 -16.90
CA ALA A 249 -13.77 -0.24 -17.55
C ALA A 249 -14.04 -0.10 -19.02
N ARG A 250 -13.17 0.64 -19.71
CA ARG A 250 -13.37 1.00 -21.11
C ARG A 250 -12.29 0.42 -22.01
N CYS A 251 -12.72 -0.03 -23.19
CA CYS A 251 -11.86 -0.53 -24.24
C CYS A 251 -11.01 0.57 -24.83
N SER A 252 -9.72 0.29 -24.94
CA SER A 252 -8.75 1.19 -25.51
C SER A 252 -9.20 1.47 -26.95
N GLY A 253 -9.11 2.73 -27.37
CA GLY A 253 -9.40 3.10 -28.76
C GLY A 253 -10.84 3.49 -28.91
N THR A 254 -11.72 2.52 -28.77
CA THR A 254 -13.14 2.69 -29.03
C THR A 254 -13.85 3.38 -27.87
N ASN A 255 -13.26 3.29 -26.68
CA ASN A 255 -13.87 3.81 -25.47
C ASN A 255 -15.27 3.23 -25.19
N THR A 256 -15.54 2.00 -25.59
CA THR A 256 -16.82 1.39 -25.28
C THR A 256 -16.57 0.46 -24.06
N PRO A 257 -17.63 0.08 -23.31
CA PRO A 257 -17.47 -0.74 -22.08
C PRO A 257 -16.92 -2.12 -22.33
N VAL A 258 -15.92 -2.49 -21.51
CA VAL A 258 -15.40 -3.85 -21.52
C VAL A 258 -16.48 -4.86 -21.32
N ARG A 259 -17.46 -4.58 -20.44
CA ARG A 259 -18.51 -5.59 -20.18
C ARG A 259 -19.42 -5.90 -21.38
N ALA A 260 -19.38 -5.04 -22.39
CA ALA A 260 -20.25 -5.17 -23.59
C ALA A 260 -19.54 -5.91 -24.76
N VAL A 261 -18.25 -6.19 -24.61
CA VAL A 261 -17.55 -7.08 -25.56
C VAL A 261 -18.26 -8.46 -25.78
N THR A 262 -18.35 -8.89 -27.05
CA THR A 262 -18.83 -10.24 -27.45
C THR A 262 -17.69 -11.19 -27.84
N GLU A 263 -17.82 -12.49 -27.60
CA GLU A 263 -16.76 -13.42 -28.01
C GLU A 263 -16.44 -13.20 -29.49
N ALA A 264 -17.48 -12.91 -30.26
CA ALA A 264 -17.37 -12.73 -31.73
C ALA A 264 -16.45 -11.60 -32.15
N SER A 265 -16.37 -10.53 -31.35
CA SER A 265 -15.63 -9.32 -31.72
C SER A 265 -14.15 -9.41 -31.38
N THR A 266 -13.74 -10.49 -30.73
CA THR A 266 -12.38 -10.71 -30.28
C THR A 266 -11.78 -11.83 -31.12
N SER A 267 -10.58 -12.29 -30.81
CA SER A 267 -9.81 -13.19 -31.70
C SER A 267 -8.49 -13.52 -31.02
N PRO A 268 -8.10 -14.82 -30.97
CA PRO A 268 -6.88 -15.13 -30.20
C PRO A 268 -5.61 -14.63 -30.87
N SER A 269 -5.74 -14.25 -32.14
CA SER A 269 -4.58 -13.81 -32.92
C SER A 269 -4.13 -12.38 -32.57
N LYS A 270 -4.96 -11.62 -31.86
CA LYS A 270 -4.61 -10.23 -31.42
C LYS A 270 -3.83 -10.06 -30.09
N CYS A 271 -3.28 -11.14 -29.54
CA CYS A 271 -2.65 -11.07 -28.23
C CYS A 271 -1.08 -11.07 -28.27
#